data_3V4L
#
_entry.id   3V4L
#
_cell.length_a   150.861
_cell.length_b   150.861
_cell.length_c   91.822
_cell.angle_alpha   90.00
_cell.angle_beta   90.00
_cell.angle_gamma   120.00
#
_symmetry.space_group_name_H-M   'P 62 2 2'
#
loop_
_entity.id
_entity.type
_entity.pdbx_description
1 polymer 'Mucosa-associated lymphoid tissue lymphoma translocation protein 1 homolog'
2 polymer 'MALT1 Inhibitor'
#
loop_
_entity_poly.entity_id
_entity_poly.type
_entity_poly.pdbx_seq_one_letter_code
_entity_poly.pdbx_strand_id
1 'polypeptide(L)'
;GPGSDNKEQTGQPLAKDKVALLIGNMSYWEHPKLKAPLVDVYELTNLLRQLDFKVVSLLDLTEYEMCNAVDEFLLLLDKG
VYGLLYYAGHGYENFGNSFMVPVDAPNPYRSENCLCVQNILKLMQEKETGLNVFLLDMCRKRNDYDDTIPILDALKVTAN
IVFGYATCQGAEAFEIQHSGLANGIFMKFLKDRLLEDKKITVLLDEVAEDMGKCHLTKGRQALEIRSSLSEKRALTDPVQ
GAPCSAEALVRNLQWAKAHELPESMCLKFQCGVHIQLGFAAEFSNVMIIYTSIVHKPPEIIMCDAYVTDFPLDLDIDPKH
ANKGTPEETGSYLVSKDLPKHCLYTRLSSLQKLKEHLIFTVCLSYQYSGLEDTVEEKQEVNVGKPLIAKLDMHRGL
;
A
2 'polypeptide(L)' (PHQ)VRPR(CF0) B
#
# COMPACT_ATOMS: atom_id res chain seq x y z
N GLY A 11 -21.32 -18.03 21.27
CA GLY A 11 -21.31 -16.81 22.07
C GLY A 11 -20.45 -15.69 21.51
N GLN A 12 -19.11 -15.90 21.52
CA GLN A 12 -18.09 -14.96 21.02
C GLN A 12 -17.41 -15.51 19.77
N PRO A 13 -17.49 -14.79 18.62
CA PRO A 13 -16.83 -15.28 17.39
C PRO A 13 -15.35 -14.97 17.41
N LEU A 14 -14.53 -15.95 17.04
CA LEU A 14 -13.09 -15.80 17.08
C LEU A 14 -12.39 -15.85 15.74
N ALA A 15 -11.28 -15.08 15.66
CA ALA A 15 -10.37 -14.93 14.54
C ALA A 15 -9.09 -15.73 14.76
N LYS A 16 -8.74 -16.65 13.82
CA LYS A 16 -7.49 -17.42 13.88
C LYS A 16 -6.34 -16.41 13.67
N ASP A 17 -6.55 -15.45 12.75
CA ASP A 17 -5.73 -14.28 12.45
C ASP A 17 -6.56 -13.28 11.68
N LYS A 18 -6.06 -12.05 11.56
CA LYS A 18 -6.71 -10.96 10.85
C LYS A 18 -5.66 -10.35 9.90
N VAL A 19 -5.80 -10.66 8.61
CA VAL A 19 -4.90 -10.25 7.52
C VAL A 19 -5.66 -9.32 6.56
N ALA A 20 -4.98 -8.25 6.14
CA ALA A 20 -5.50 -7.25 5.22
C ALA A 20 -4.53 -6.98 4.07
N LEU A 21 -5.06 -6.77 2.85
CA LEU A 21 -4.30 -6.35 1.68
C LEU A 21 -4.98 -5.12 1.13
N LEU A 22 -4.24 -4.01 1.14
CA LEU A 22 -4.66 -2.68 0.76
C LEU A 22 -3.87 -2.18 -0.44
N ILE A 23 -4.54 -1.91 -1.56
CA ILE A 23 -3.89 -1.38 -2.77
C ILE A 23 -4.47 -0.03 -3.11
N GLY A 24 -3.59 0.92 -3.39
CA GLY A 24 -3.96 2.27 -3.80
C GLY A 24 -3.27 2.70 -5.09
N ASN A 25 -4.00 2.65 -6.22
CA ASN A 25 -3.44 3.10 -7.50
C ASN A 25 -3.78 4.55 -7.79
N MET A 26 -2.75 5.34 -8.17
CA MET A 26 -2.88 6.76 -8.48
C MET A 26 -2.35 7.12 -9.86
N SER A 27 -1.05 6.89 -10.10
CA SER A 27 -0.28 7.30 -11.28
C SER A 27 -0.43 6.41 -12.51
N TYR A 28 -1.66 6.42 -13.04
CA TYR A 28 -2.07 5.66 -14.21
C TYR A 28 -1.33 6.15 -15.47
N TRP A 29 -0.93 5.21 -16.31
CA TRP A 29 -0.15 5.57 -17.49
C TRP A 29 -1.02 6.14 -18.60
N GLU A 30 -2.15 5.50 -18.89
CA GLU A 30 -3.04 5.92 -19.96
C GLU A 30 -4.33 6.60 -19.45
N HIS A 31 -4.49 6.77 -18.11
CA HIS A 31 -5.72 7.32 -17.52
C HIS A 31 -5.48 8.43 -16.51
N PRO A 32 -6.56 9.21 -16.13
CA PRO A 32 -6.38 10.32 -15.19
C PRO A 32 -5.79 9.90 -13.86
N LYS A 33 -4.72 10.55 -13.50
CA LYS A 33 -4.08 10.23 -12.24
C LYS A 33 -4.94 10.67 -11.06
N LEU A 34 -4.93 9.87 -9.97
CA LEU A 34 -5.70 10.14 -8.75
C LEU A 34 -4.76 10.70 -7.63
N LYS A 35 -5.30 11.05 -6.46
CA LYS A 35 -4.45 11.63 -5.41
C LYS A 35 -4.77 11.09 -4.02
N ALA A 36 -6.07 10.91 -3.73
CA ALA A 36 -6.53 10.43 -2.44
C ALA A 36 -6.11 9.01 -2.14
N PRO A 37 -5.85 8.10 -3.16
CA PRO A 37 -5.53 6.72 -2.81
C PRO A 37 -4.38 6.55 -1.83
N LEU A 38 -3.30 7.35 -1.97
CA LEU A 38 -2.15 7.33 -1.05
C LEU A 38 -2.58 7.58 0.39
N VAL A 39 -3.27 8.70 0.57
CA VAL A 39 -3.74 9.14 1.89
CA VAL A 39 -3.71 9.10 1.91
C VAL A 39 -4.70 8.11 2.52
N ASP A 40 -5.70 7.64 1.74
CA ASP A 40 -6.68 6.67 2.22
C ASP A 40 -6.03 5.38 2.67
N VAL A 41 -5.07 4.88 1.83
CA VAL A 41 -4.33 3.65 2.15
C VAL A 41 -3.56 3.84 3.44
N TYR A 42 -2.87 4.97 3.59
CA TYR A 42 -2.12 5.21 4.80
C TYR A 42 -3.02 5.19 6.01
N GLU A 43 -4.21 5.78 5.87
CA GLU A 43 -5.09 5.81 7.00
C GLU A 43 -5.83 4.53 7.34
N LEU A 44 -6.11 3.70 6.33
CA LEU A 44 -6.77 2.43 6.59
C LEU A 44 -5.87 1.44 7.36
N THR A 45 -4.56 1.41 6.98
CA THR A 45 -3.46 0.62 7.55
C THR A 45 -3.36 0.88 9.03
N ASN A 46 -3.28 2.17 9.41
CA ASN A 46 -3.20 2.55 10.80
C ASN A 46 -4.41 2.12 11.60
N LEU A 47 -5.60 2.23 11.02
CA LEU A 47 -6.84 1.87 11.67
C LEU A 47 -6.92 0.35 11.80
N LEU A 48 -6.55 -0.37 10.72
CA LEU A 48 -6.56 -1.83 10.67
C LEU A 48 -5.53 -2.46 11.58
N ARG A 49 -4.39 -1.79 11.80
CA ARG A 49 -3.35 -2.22 12.74
C ARG A 49 -3.87 -2.10 14.18
N GLN A 50 -4.63 -1.02 14.49
CA GLN A 50 -5.23 -0.86 15.83
C GLN A 50 -6.20 -2.01 16.13
N LEU A 51 -6.79 -2.59 15.07
CA LEU A 51 -7.68 -3.75 15.15
C LEU A 51 -6.87 -5.04 15.00
N ASP A 52 -5.56 -4.93 15.26
CA ASP A 52 -4.58 -6.02 15.25
C ASP A 52 -4.55 -6.80 13.94
N PHE A 53 -4.44 -6.09 12.82
CA PHE A 53 -4.42 -6.74 11.53
C PHE A 53 -3.02 -6.86 10.98
N LYS A 54 -2.75 -7.98 10.29
CA LYS A 54 -1.51 -8.14 9.58
C LYS A 54 -1.76 -7.39 8.27
N VAL A 55 -1.24 -6.15 8.15
CA VAL A 55 -1.54 -5.31 6.98
C VAL A 55 -0.44 -5.29 5.95
N VAL A 56 -0.80 -5.31 4.65
CA VAL A 56 0.10 -5.14 3.51
C VAL A 56 -0.40 -3.92 2.73
N SER A 57 0.35 -2.81 2.78
CA SER A 57 0.03 -1.53 2.13
C SER A 57 0.82 -1.38 0.87
N LEU A 58 0.14 -1.24 -0.29
CA LEU A 58 0.84 -1.08 -1.56
C LEU A 58 0.27 -0.02 -2.48
N LEU A 59 1.15 0.80 -3.12
CA LEU A 59 0.75 1.85 -4.10
C LEU A 59 1.25 1.66 -5.54
N ASP A 60 0.40 2.05 -6.50
CA ASP A 60 0.71 2.09 -7.94
C ASP A 60 1.29 0.80 -8.50
N LEU A 61 0.46 -0.23 -8.45
CA LEU A 61 0.81 -1.54 -8.96
C LEU A 61 0.32 -1.79 -10.37
N THR A 62 1.15 -2.46 -11.18
CA THR A 62 0.82 -2.86 -12.56
C THR A 62 0.05 -4.15 -12.48
N GLU A 63 -0.49 -4.66 -13.60
CA GLU A 63 -1.29 -5.88 -13.56
C GLU A 63 -0.51 -7.02 -12.97
N TYR A 64 0.73 -7.18 -13.42
CA TYR A 64 1.57 -8.28 -12.96
C TYR A 64 1.82 -8.13 -11.49
N GLU A 65 2.17 -6.91 -11.08
CA GLU A 65 2.46 -6.57 -9.70
C GLU A 65 1.28 -6.88 -8.80
N MET A 66 0.08 -6.42 -9.22
CA MET A 66 -1.21 -6.64 -8.53
C MET A 66 -1.46 -8.13 -8.26
N CYS A 67 -1.22 -8.98 -9.26
CA CYS A 67 -1.40 -10.42 -9.16
C CYS A 67 -0.50 -11.04 -8.10
N ASN A 68 0.70 -10.49 -7.92
CA ASN A 68 1.63 -11.03 -6.95
C ASN A 68 1.28 -10.65 -5.55
N ALA A 69 0.66 -9.46 -5.37
CA ALA A 69 0.22 -8.99 -4.07
C ALA A 69 -0.91 -9.88 -3.59
N VAL A 70 -1.80 -10.31 -4.53
CA VAL A 70 -2.86 -11.21 -4.12
C VAL A 70 -2.30 -12.54 -3.71
N ASP A 71 -1.29 -13.06 -4.47
CA ASP A 71 -0.62 -14.34 -4.17
C ASP A 71 0.05 -14.33 -2.79
N GLU A 72 0.68 -13.20 -2.42
CA GLU A 72 1.33 -13.04 -1.11
C GLU A 72 0.31 -12.98 0.02
N PHE A 73 -0.86 -12.35 -0.26
CA PHE A 73 -1.98 -12.16 0.65
C PHE A 73 -2.65 -13.51 0.90
N LEU A 74 -2.94 -14.25 -0.19
CA LEU A 74 -3.51 -15.60 -0.16
C LEU A 74 -2.62 -16.53 0.72
N LEU A 75 -1.27 -16.42 0.57
CA LEU A 75 -0.29 -17.20 1.34
C LEU A 75 -0.42 -16.96 2.84
N LEU A 76 -0.95 -15.79 3.23
CA LEU A 76 -1.12 -15.45 4.62
C LEU A 76 -2.49 -15.79 5.16
N LEU A 77 -3.35 -16.43 4.34
CA LEU A 77 -4.70 -16.80 4.78
C LEU A 77 -4.83 -18.31 4.92
N ASP A 78 -5.40 -18.78 6.04
CA ASP A 78 -5.66 -20.20 6.30
C ASP A 78 -7.04 -20.33 6.96
N LYS A 79 -7.46 -21.57 7.27
CA LYS A 79 -8.75 -21.81 7.90
C LYS A 79 -8.93 -20.92 9.14
N GLY A 80 -10.03 -20.15 9.18
CA GLY A 80 -10.38 -19.29 10.30
C GLY A 80 -9.86 -17.87 10.25
N VAL A 81 -8.93 -17.59 9.31
CA VAL A 81 -8.31 -16.27 9.16
C VAL A 81 -9.31 -15.28 8.53
N TYR A 82 -9.43 -14.08 9.12
CA TYR A 82 -10.26 -12.98 8.58
C TYR A 82 -9.43 -12.30 7.50
N GLY A 83 -9.91 -12.37 6.26
CA GLY A 83 -9.22 -11.78 5.10
C GLY A 83 -9.95 -10.56 4.61
N LEU A 84 -9.24 -9.44 4.49
CA LEU A 84 -9.81 -8.18 4.05
C LEU A 84 -9.06 -7.62 2.88
N LEU A 85 -9.80 -7.09 1.91
CA LEU A 85 -9.21 -6.48 0.74
C LEU A 85 -9.78 -5.08 0.53
N TYR A 86 -8.89 -4.09 0.45
CA TYR A 86 -9.24 -2.70 0.19
C TYR A 86 -8.59 -2.22 -1.08
N TYR A 87 -9.40 -1.70 -1.99
CA TYR A 87 -8.85 -1.19 -3.23
C TYR A 87 -9.37 0.20 -3.48
N ALA A 88 -8.45 1.14 -3.69
CA ALA A 88 -8.78 2.52 -4.03
C ALA A 88 -8.02 2.87 -5.31
N GLY A 89 -8.77 3.10 -6.38
CA GLY A 89 -8.20 3.40 -7.68
C GLY A 89 -9.29 3.41 -8.72
N HIS A 90 -8.96 3.02 -9.97
CA HIS A 90 -9.94 2.94 -11.04
C HIS A 90 -10.60 1.57 -11.08
N GLY A 91 -11.91 1.58 -11.20
CA GLY A 91 -12.71 0.38 -11.29
C GLY A 91 -13.80 0.49 -12.33
N TYR A 92 -14.27 -0.66 -12.80
CA TYR A 92 -15.39 -0.78 -13.72
C TYR A 92 -16.14 -2.04 -13.36
N GLU A 93 -17.43 -2.09 -13.72
CA GLU A 93 -18.28 -3.24 -13.44
C GLU A 93 -18.96 -3.71 -14.71
N ASN A 94 -18.64 -4.91 -15.16
CA ASN A 94 -19.30 -5.41 -16.35
C ASN A 94 -19.82 -6.80 -16.11
N PHE A 95 -21.11 -6.98 -16.47
CA PHE A 95 -21.85 -8.24 -16.41
C PHE A 95 -21.77 -8.94 -15.06
N GLY A 96 -21.90 -8.14 -14.01
CA GLY A 96 -21.87 -8.61 -12.64
C GLY A 96 -20.52 -8.89 -12.02
N ASN A 97 -19.46 -8.40 -12.67
CA ASN A 97 -18.11 -8.58 -12.14
C ASN A 97 -17.48 -7.23 -11.90
N SER A 98 -16.77 -7.11 -10.77
CA SER A 98 -16.07 -5.88 -10.44
C SER A 98 -14.62 -6.04 -10.88
N PHE A 99 -14.07 -4.96 -11.47
CA PHE A 99 -12.69 -4.97 -11.97
C PHE A 99 -11.89 -3.81 -11.45
N MET A 100 -10.71 -4.12 -10.90
CA MET A 100 -9.77 -3.11 -10.45
C MET A 100 -8.79 -2.89 -11.59
N VAL A 101 -8.51 -1.62 -11.90
CA VAL A 101 -7.65 -1.28 -13.03
C VAL A 101 -6.24 -0.99 -12.56
N PRO A 102 -5.21 -1.69 -13.10
CA PRO A 102 -3.83 -1.39 -12.67
C PRO A 102 -3.23 -0.18 -13.38
N VAL A 103 -2.14 0.39 -12.84
CA VAL A 103 -1.53 1.58 -13.43
C VAL A 103 -1.11 1.41 -14.93
N ASP A 104 -0.60 0.22 -15.25
CA ASP A 104 -0.15 -0.12 -16.59
C ASP A 104 -1.25 -0.23 -17.65
N ALA A 105 -2.54 -0.15 -17.25
CA ALA A 105 -3.70 -0.34 -18.13
C ALA A 105 -3.71 0.52 -19.36
N PRO A 106 -3.93 -0.10 -20.55
CA PRO A 106 -3.99 0.68 -21.78
C PRO A 106 -5.31 1.42 -21.91
N ASN A 107 -5.34 2.38 -22.83
CA ASN A 107 -6.57 3.09 -23.15
C ASN A 107 -6.85 2.81 -24.63
N PRO A 108 -7.92 2.06 -24.98
CA PRO A 108 -8.92 1.44 -24.11
C PRO A 108 -8.40 0.15 -23.45
N TYR A 109 -9.06 -0.27 -22.34
CA TYR A 109 -8.73 -1.49 -21.60
C TYR A 109 -9.87 -2.47 -21.59
N ARG A 110 -9.55 -3.73 -21.27
CA ARG A 110 -10.45 -4.86 -21.17
C ARG A 110 -10.23 -5.62 -19.85
N SER A 111 -11.09 -6.62 -19.59
CA SER A 111 -11.05 -7.48 -18.41
C SER A 111 -9.72 -8.19 -18.29
N GLU A 112 -9.10 -8.52 -19.43
CA GLU A 112 -7.82 -9.18 -19.50
C GLU A 112 -6.77 -8.31 -18.83
N ASN A 113 -6.79 -7.01 -19.13
CA ASN A 113 -5.88 -6.03 -18.57
C ASN A 113 -6.08 -5.83 -17.04
N CYS A 114 -7.27 -6.16 -16.50
CA CYS A 114 -7.71 -5.95 -15.11
C CYS A 114 -7.81 -7.20 -14.24
N LEU A 115 -7.90 -7.01 -12.89
CA LEU A 115 -8.12 -8.06 -11.86
C LEU A 115 -9.60 -8.12 -11.48
N CYS A 116 -10.19 -9.32 -11.59
CA CYS A 116 -11.57 -9.57 -11.24
C CYS A 116 -11.64 -10.02 -9.81
N VAL A 117 -12.33 -9.23 -9.03
CA VAL A 117 -12.54 -9.40 -7.58
C VAL A 117 -13.07 -10.78 -7.29
N GLN A 118 -14.04 -11.25 -8.12
CA GLN A 118 -14.66 -12.55 -7.95
C GLN A 118 -13.62 -13.66 -7.98
N ASN A 119 -12.55 -13.47 -8.79
CA ASN A 119 -11.48 -14.47 -8.86
C ASN A 119 -10.72 -14.53 -7.56
N ILE A 120 -10.46 -13.36 -6.96
CA ILE A 120 -9.78 -13.28 -5.67
C ILE A 120 -10.63 -13.92 -4.57
N LEU A 121 -11.96 -13.71 -4.61
CA LEU A 121 -12.87 -14.24 -3.61
C LEU A 121 -12.82 -15.71 -3.58
N LYS A 122 -12.88 -16.38 -4.77
CA LYS A 122 -12.84 -17.86 -4.89
C LYS A 122 -11.59 -18.48 -4.22
N LEU A 123 -10.43 -17.88 -4.52
CA LEU A 123 -9.13 -18.26 -4.00
C LEU A 123 -9.10 -18.21 -2.48
N MET A 124 -9.73 -17.18 -1.89
CA MET A 124 -9.85 -17.01 -0.45
C MET A 124 -10.68 -18.13 0.17
N GLN A 125 -11.82 -18.49 -0.48
CA GLN A 125 -12.75 -19.53 -0.04
C GLN A 125 -12.06 -20.89 -0.04
N GLU A 126 -11.08 -21.09 -0.98
CA GLU A 126 -10.27 -22.30 -1.13
C GLU A 126 -9.36 -22.46 0.08
N LYS A 127 -9.08 -21.36 0.80
CA LYS A 127 -8.22 -21.34 1.97
C LYS A 127 -8.96 -21.44 3.30
N GLU A 128 -10.30 -21.64 3.26
CA GLU A 128 -11.20 -21.79 4.43
C GLU A 128 -11.23 -20.63 5.46
N THR A 129 -11.06 -19.40 4.98
CA THR A 129 -11.09 -18.17 5.77
C THR A 129 -12.45 -18.03 6.50
N GLY A 130 -12.40 -17.54 7.73
CA GLY A 130 -13.58 -17.28 8.55
C GLY A 130 -14.44 -16.12 8.06
N LEU A 131 -13.77 -15.04 7.55
CA LEU A 131 -14.38 -13.80 7.02
C LEU A 131 -13.75 -13.45 5.70
N ASN A 132 -14.49 -12.75 4.84
CA ASN A 132 -14.04 -12.28 3.53
C ASN A 132 -14.65 -10.91 3.37
N VAL A 133 -13.92 -9.87 3.78
CA VAL A 133 -14.39 -8.49 3.65
C VAL A 133 -13.77 -7.86 2.38
N PHE A 134 -14.56 -7.09 1.61
CA PHE A 134 -14.05 -6.41 0.41
C PHE A 134 -14.51 -5.00 0.42
N LEU A 135 -13.57 -4.06 0.51
CA LEU A 135 -13.91 -2.66 0.51
C LEU A 135 -13.39 -2.10 -0.79
N LEU A 136 -14.28 -1.98 -1.80
CA LEU A 136 -13.92 -1.48 -3.14
C LEU A 136 -14.28 0.00 -3.26
N ASP A 137 -13.26 0.84 -3.08
CA ASP A 137 -13.33 2.30 -3.14
C ASP A 137 -12.95 2.72 -4.59
N MET A 138 -13.82 2.38 -5.54
CA MET A 138 -13.64 2.61 -6.98
C MET A 138 -14.99 2.86 -7.68
N CYS A 139 -14.93 3.37 -8.91
CA CYS A 139 -16.09 3.61 -9.77
C CYS A 139 -16.70 2.29 -10.20
N ARG A 140 -17.99 2.29 -10.55
CA ARG A 140 -18.61 1.02 -10.93
C ARG A 140 -19.43 1.09 -12.23
N LYS A 141 -18.90 1.74 -13.28
CA LYS A 141 -19.60 1.92 -14.57
C LYS A 141 -19.20 0.86 -15.60
N ARG A 142 -19.82 0.92 -16.78
CA ARG A 142 -19.56 -0.05 -17.85
C ARG A 142 -18.36 0.35 -18.64
N ASN A 143 -17.51 -0.61 -18.91
CA ASN A 143 -16.38 -0.39 -19.77
C ASN A 143 -16.92 -0.93 -21.08
N ASP A 144 -17.60 -0.04 -21.85
CA ASP A 144 -18.24 -0.36 -23.14
C ASP A 144 -17.32 -1.06 -24.14
N TYR A 145 -16.00 -0.83 -23.98
CA TYR A 145 -14.94 -1.44 -24.76
C TYR A 145 -14.65 -2.91 -24.40
N ASP A 146 -15.09 -3.38 -23.20
CA ASP A 146 -14.90 -4.77 -22.75
C ASP A 146 -15.89 -5.73 -23.42
N ASP A 147 -15.35 -6.60 -24.28
CA ASP A 147 -16.05 -7.56 -25.12
C ASP A 147 -16.15 -8.90 -24.43
N THR A 148 -15.15 -9.20 -23.60
CA THR A 148 -15.01 -10.46 -22.92
C THR A 148 -15.82 -10.52 -21.65
N ILE A 149 -16.54 -11.66 -21.47
CA ILE A 149 -17.30 -11.94 -20.26
C ILE A 149 -16.67 -13.20 -19.64
N PRO A 150 -15.92 -13.05 -18.52
CA PRO A 150 -15.22 -14.19 -17.91
C PRO A 150 -15.82 -15.60 -17.70
N ILE A 151 -17.17 -15.78 -17.66
CA ILE A 151 -17.80 -17.10 -17.44
C ILE A 151 -17.17 -17.90 -16.31
N LEU A 152 -17.13 -17.23 -15.15
CA LEU A 152 -16.54 -17.70 -13.92
C LEU A 152 -17.37 -18.79 -13.29
N ASP A 153 -16.69 -19.68 -12.55
CA ASP A 153 -17.31 -20.79 -11.84
C ASP A 153 -18.08 -20.29 -10.61
N ALA A 154 -19.17 -20.99 -10.24
CA ALA A 154 -20.03 -20.65 -9.10
C ALA A 154 -19.28 -20.61 -7.78
N LEU A 155 -19.67 -19.73 -6.88
CA LEU A 155 -19.01 -19.65 -5.58
C LEU A 155 -19.59 -20.68 -4.61
N LYS A 156 -18.76 -21.20 -3.70
CA LYS A 156 -19.23 -22.11 -2.68
C LYS A 156 -19.99 -21.28 -1.62
N VAL A 157 -21.15 -21.76 -1.14
CA VAL A 157 -21.91 -21.03 -0.14
C VAL A 157 -21.20 -21.12 1.18
N THR A 158 -20.55 -20.03 1.63
CA THR A 158 -19.75 -20.03 2.87
C THR A 158 -20.21 -19.02 3.96
N ALA A 159 -21.29 -18.21 3.68
CA ALA A 159 -21.94 -17.24 4.59
C ALA A 159 -20.97 -16.35 5.44
N ASN A 160 -19.94 -15.78 4.77
CA ASN A 160 -18.86 -15.02 5.43
C ASN A 160 -18.34 -13.92 4.51
N ILE A 161 -18.97 -13.81 3.34
CA ILE A 161 -18.62 -12.81 2.34
C ILE A 161 -19.30 -11.48 2.65
N VAL A 162 -18.52 -10.40 2.67
CA VAL A 162 -19.04 -9.04 2.94
C VAL A 162 -18.45 -8.04 1.96
N PHE A 163 -19.34 -7.30 1.28
CA PHE A 163 -18.92 -6.25 0.36
C PHE A 163 -19.29 -4.87 0.84
N GLY A 164 -18.30 -3.97 0.75
CA GLY A 164 -18.36 -2.57 1.09
C GLY A 164 -18.00 -1.81 -0.19
N TYR A 165 -18.99 -1.69 -1.08
CA TYR A 165 -18.83 -0.97 -2.32
C TYR A 165 -18.96 0.52 -2.00
N ALA A 166 -18.01 1.34 -2.47
CA ALA A 166 -18.02 2.76 -2.19
C ALA A 166 -19.17 3.46 -2.88
N THR A 167 -19.56 2.93 -4.05
CA THR A 167 -20.67 3.43 -4.82
C THR A 167 -21.52 2.25 -5.28
N CYS A 168 -22.62 2.53 -5.98
CA CYS A 168 -23.53 1.50 -6.49
C CYS A 168 -23.17 1.17 -7.91
N GLN A 169 -23.75 0.08 -8.46
CA GLN A 169 -23.47 -0.35 -9.83
C GLN A 169 -23.90 0.78 -10.78
N GLY A 170 -23.06 1.05 -11.78
CA GLY A 170 -23.31 2.10 -12.76
C GLY A 170 -23.04 3.49 -12.27
N ALA A 171 -22.59 3.66 -11.01
CA ALA A 171 -22.26 4.92 -10.34
C ALA A 171 -20.77 5.15 -10.23
N GLU A 172 -20.39 6.28 -9.62
CA GLU A 172 -19.01 6.73 -9.43
C GLU A 172 -18.70 6.93 -7.96
N ALA A 173 -17.45 6.63 -7.59
CA ALA A 173 -16.92 6.90 -6.25
C ALA A 173 -16.07 8.16 -6.43
N PHE A 174 -16.24 9.09 -5.49
CA PHE A 174 -15.58 10.38 -5.57
C PHE A 174 -14.51 10.58 -4.53
N GLU A 175 -13.51 11.39 -4.89
CA GLU A 175 -12.46 11.89 -3.99
C GLU A 175 -12.41 13.41 -4.05
N ILE A 176 -12.22 14.07 -2.88
CA ILE A 176 -12.06 15.54 -2.75
C ILE A 176 -10.56 15.88 -2.93
N GLN A 177 -10.17 16.52 -4.04
CA GLN A 177 -8.78 16.85 -4.39
C GLN A 177 -8.43 18.28 -3.99
N HIS A 178 -8.56 18.56 -2.69
CA HIS A 178 -8.23 19.86 -2.14
C HIS A 178 -6.76 19.90 -2.00
N SER A 179 -6.18 20.89 -2.71
CA SER A 179 -4.74 21.16 -2.80
C SER A 179 -4.14 21.35 -1.46
N GLY A 180 -3.64 20.23 -1.01
CA GLY A 180 -3.06 20.00 0.29
C GLY A 180 -3.02 18.51 0.41
N LEU A 181 -3.91 17.95 1.23
CA LEU A 181 -3.87 16.50 1.42
C LEU A 181 -4.56 15.62 0.39
N ALA A 182 -5.83 15.95 0.05
CA ALA A 182 -6.76 15.20 -0.82
C ALA A 182 -7.30 13.94 -0.09
N ASN A 183 -8.62 13.74 -0.07
CA ASN A 183 -9.24 12.60 0.63
C ASN A 183 -10.29 11.92 -0.21
N GLY A 184 -10.57 10.66 0.09
CA GLY A 184 -11.62 9.89 -0.58
C GLY A 184 -12.90 9.99 0.23
N ILE A 185 -14.07 9.97 -0.45
CA ILE A 185 -15.37 10.09 0.24
C ILE A 185 -15.72 8.87 1.09
N PHE A 186 -15.49 7.66 0.57
CA PHE A 186 -15.76 6.45 1.34
C PHE A 186 -14.92 6.42 2.64
N MET A 187 -13.64 6.83 2.55
CA MET A 187 -12.73 6.86 3.69
C MET A 187 -13.09 7.93 4.76
N LYS A 188 -13.61 9.09 4.30
CA LYS A 188 -14.06 10.18 5.17
C LYS A 188 -15.15 9.69 6.14
N PHE A 189 -16.08 8.87 5.65
CA PHE A 189 -17.13 8.33 6.53
C PHE A 189 -16.72 7.02 7.18
N LEU A 190 -15.79 6.26 6.55
CA LEU A 190 -15.38 4.98 7.10
C LEU A 190 -14.43 5.12 8.27
N LYS A 191 -13.47 6.04 8.13
CA LYS A 191 -12.45 6.22 9.15
C LYS A 191 -12.97 6.53 10.55
N ASP A 192 -14.07 7.27 10.65
CA ASP A 192 -14.64 7.67 11.94
C ASP A 192 -15.45 6.58 12.58
N ARG A 193 -15.70 5.48 11.86
CA ARG A 193 -16.52 4.43 12.41
C ARG A 193 -15.93 3.04 12.40
N LEU A 194 -14.74 2.87 11.81
CA LEU A 194 -14.15 1.55 11.64
C LEU A 194 -13.82 0.81 12.90
N LEU A 195 -13.38 1.53 13.91
CA LEU A 195 -12.99 0.90 15.15
C LEU A 195 -14.11 0.35 16.03
N GLU A 196 -15.38 0.63 15.69
CA GLU A 196 -16.53 0.15 16.46
C GLU A 196 -16.66 -1.38 16.56
N ASP A 197 -17.06 -1.90 17.74
CA ASP A 197 -17.25 -3.34 17.95
C ASP A 197 -18.59 -3.89 17.36
N LYS A 198 -19.14 -3.23 16.34
CA LYS A 198 -20.37 -3.69 15.70
C LYS A 198 -20.04 -4.83 14.73
N LYS A 199 -21.07 -5.62 14.33
CA LYS A 199 -20.95 -6.67 13.29
C LYS A 199 -20.54 -5.92 12.01
N ILE A 200 -19.67 -6.52 11.18
CA ILE A 200 -19.17 -5.82 9.99
C ILE A 200 -20.27 -5.24 9.11
N THR A 201 -21.34 -6.01 8.89
CA THR A 201 -22.46 -5.59 8.09
C THR A 201 -23.17 -4.40 8.72
N VAL A 202 -23.46 -4.48 10.03
CA VAL A 202 -24.15 -3.43 10.77
C VAL A 202 -23.34 -2.15 10.73
N LEU A 203 -22.03 -2.27 10.99
CA LEU A 203 -21.16 -1.10 10.98
C LEU A 203 -21.14 -0.43 9.59
N LEU A 204 -21.10 -1.25 8.53
CA LEU A 204 -21.04 -0.74 7.17
C LEU A 204 -22.28 0.02 6.76
N ASP A 205 -23.41 -0.39 7.35
CA ASP A 205 -24.72 0.20 7.13
C ASP A 205 -24.87 1.56 7.90
N GLU A 206 -24.24 1.63 9.08
CA GLU A 206 -24.19 2.85 9.89
C GLU A 206 -23.28 3.86 9.19
N VAL A 207 -22.23 3.37 8.48
CA VAL A 207 -21.36 4.20 7.65
C VAL A 207 -22.17 4.77 6.47
N ALA A 208 -23.01 3.91 5.85
CA ALA A 208 -23.87 4.28 4.73
C ALA A 208 -24.77 5.49 5.07
N GLU A 209 -25.35 5.50 6.31
CA GLU A 209 -26.23 6.56 6.84
C GLU A 209 -25.46 7.90 6.91
N ASP A 210 -24.35 7.92 7.67
CA ASP A 210 -23.50 9.11 7.72
C ASP A 210 -23.06 9.53 6.32
N MET A 211 -22.80 8.61 5.36
CA MET A 211 -22.40 8.97 3.99
C MET A 211 -23.52 9.69 3.19
N GLY A 212 -24.78 9.43 3.56
CA GLY A 212 -25.94 10.09 2.95
C GLY A 212 -25.99 11.55 3.35
N LYS A 213 -25.57 11.84 4.60
CA LYS A 213 -25.44 13.21 5.13
C LYS A 213 -24.37 14.07 4.37
N CYS A 214 -23.60 13.45 3.43
CA CYS A 214 -22.61 14.15 2.60
C CYS A 214 -23.26 15.04 1.59
N HIS A 215 -22.83 16.29 1.59
CA HIS A 215 -23.37 17.19 0.62
C HIS A 215 -22.68 17.13 -0.70
N LEU A 216 -21.34 17.01 -0.72
CA LEU A 216 -20.54 16.92 -1.95
C LEU A 216 -20.99 15.81 -2.93
N THR A 217 -21.38 14.65 -2.38
CA THR A 217 -21.76 13.51 -3.22
C THR A 217 -23.22 13.12 -3.37
N LYS A 218 -24.15 13.64 -2.53
CA LYS A 218 -25.56 13.26 -2.58
C LYS A 218 -26.13 13.05 -3.99
N GLY A 219 -26.73 11.88 -4.20
CA GLY A 219 -27.32 11.48 -5.48
C GLY A 219 -26.34 11.18 -6.60
N ARG A 220 -25.05 11.07 -6.29
CA ARG A 220 -24.02 10.72 -7.29
C ARG A 220 -23.28 9.46 -6.83
N GLN A 221 -23.04 9.36 -5.50
CA GLN A 221 -22.37 8.25 -4.84
C GLN A 221 -23.10 7.89 -3.56
N ALA A 222 -23.38 6.57 -3.37
CA ALA A 222 -23.96 5.96 -2.17
C ALA A 222 -23.26 4.64 -1.92
N LEU A 223 -22.99 4.32 -0.65
CA LEU A 223 -22.36 3.07 -0.24
C LEU A 223 -23.33 1.91 -0.53
N GLU A 224 -22.83 0.78 -1.12
CA GLU A 224 -23.61 -0.44 -1.41
C GLU A 224 -23.04 -1.62 -0.62
N ILE A 225 -23.85 -2.21 0.24
CA ILE A 225 -23.43 -3.36 1.02
C ILE A 225 -24.02 -4.62 0.42
N ARG A 226 -23.19 -5.62 0.11
CA ARG A 226 -23.67 -6.95 -0.26
C ARG A 226 -23.06 -7.98 0.72
N SER A 227 -23.89 -8.82 1.41
CA SER A 227 -23.41 -9.76 2.44
C SER A 227 -24.17 -11.09 2.51
N SER A 228 -23.45 -12.16 2.83
CA SER A 228 -23.98 -13.52 3.00
C SER A 228 -23.76 -13.89 4.45
N LEU A 229 -22.88 -13.13 5.15
CA LEU A 229 -22.48 -13.34 6.53
C LEU A 229 -23.61 -13.63 7.48
N SER A 230 -23.64 -14.84 8.04
CA SER A 230 -24.67 -15.31 8.96
C SER A 230 -24.17 -15.48 10.41
N GLU A 231 -23.04 -14.81 10.77
CA GLU A 231 -22.43 -14.91 12.11
C GLU A 231 -22.02 -13.55 12.59
N LYS A 232 -22.28 -13.23 13.87
CA LYS A 232 -21.94 -11.96 14.50
C LYS A 232 -20.42 -11.69 14.48
N ARG A 233 -19.78 -11.80 13.28
CA ARG A 233 -18.35 -11.53 13.06
C ARG A 233 -18.05 -10.05 12.86
N ALA A 234 -17.00 -9.55 13.50
CA ALA A 234 -16.59 -8.15 13.40
C ALA A 234 -15.09 -8.04 13.23
N LEU A 235 -14.66 -6.90 12.72
CA LEU A 235 -13.24 -6.59 12.50
C LEU A 235 -12.45 -6.34 13.82
N THR A 236 -13.17 -6.39 14.94
CA THR A 236 -12.70 -6.17 16.31
C THR A 236 -12.55 -7.51 17.06
N ASP A 237 -13.13 -8.60 16.49
CA ASP A 237 -13.12 -9.97 17.02
C ASP A 237 -11.70 -10.36 17.41
N PRO A 238 -11.48 -11.00 18.58
CA PRO A 238 -10.09 -11.31 18.98
C PRO A 238 -9.43 -12.52 18.33
N VAL A 239 -8.10 -12.42 18.23
CA VAL A 239 -7.22 -13.41 17.61
C VAL A 239 -6.81 -14.50 18.61
N GLN A 240 -7.11 -15.78 18.26
CA GLN A 240 -6.80 -17.00 19.02
C GLN A 240 -5.44 -16.88 19.71
N GLY A 241 -5.49 -16.35 20.94
CA GLY A 241 -4.40 -16.02 21.86
C GLY A 241 -3.00 -16.47 21.52
N ALA A 242 -2.54 -17.56 22.18
CA ALA A 242 -1.23 -18.15 21.97
C ALA A 242 -1.13 -18.86 20.60
N PRO A 243 -0.30 -18.35 19.63
CA PRO A 243 -0.20 -19.01 18.31
C PRO A 243 0.11 -20.51 18.40
N CYS A 244 1.15 -20.86 19.22
CA CYS A 244 1.70 -22.19 19.56
C CYS A 244 1.64 -23.34 18.53
N SER A 245 0.96 -23.11 17.41
CA SER A 245 0.84 -24.07 16.35
C SER A 245 2.01 -23.82 15.42
N ALA A 246 2.53 -24.90 14.82
CA ALA A 246 3.61 -24.83 13.84
C ALA A 246 3.13 -24.04 12.58
N GLU A 247 1.88 -24.32 12.12
CA GLU A 247 1.29 -23.62 10.98
C GLU A 247 1.10 -22.13 11.29
N ALA A 248 0.74 -21.78 12.55
CA ALA A 248 0.57 -20.39 12.95
C ALA A 248 1.92 -19.64 12.99
N LEU A 249 3.01 -20.36 13.28
CA LEU A 249 4.37 -19.80 13.36
C LEU A 249 4.92 -19.44 11.97
N VAL A 250 4.70 -20.32 10.97
CA VAL A 250 5.09 -20.12 9.56
C VAL A 250 4.46 -18.83 8.99
N ARG A 251 3.22 -18.53 9.41
CA ARG A 251 2.43 -17.39 8.96
C ARG A 251 2.93 -16.06 9.50
N ASN A 252 3.41 -16.04 10.75
CA ASN A 252 3.96 -14.85 11.40
C ASN A 252 5.34 -14.51 10.84
N LEU A 253 6.07 -15.53 10.34
CA LEU A 253 7.40 -15.37 9.75
C LEU A 253 7.21 -14.75 8.39
N GLN A 254 6.27 -15.33 7.61
CA GLN A 254 5.94 -14.86 6.29
C GLN A 254 5.48 -13.40 6.34
N TRP A 255 4.82 -12.96 7.45
CA TRP A 255 4.41 -11.57 7.54
C TRP A 255 5.61 -10.69 7.80
N ALA A 256 6.36 -11.00 8.89
CA ALA A 256 7.57 -10.32 9.32
C ALA A 256 8.63 -10.17 8.19
N LYS A 257 8.68 -11.14 7.26
CA LYS A 257 9.53 -11.22 6.08
C LYS A 257 9.38 -9.98 5.17
N ALA A 258 8.16 -9.40 5.12
CA ALA A 258 7.81 -8.24 4.30
C ALA A 258 7.99 -6.86 4.94
N HIS A 259 8.08 -6.75 6.27
CA HIS A 259 8.17 -5.43 6.88
C HIS A 259 9.46 -5.25 7.63
N GLU A 260 10.56 -5.68 6.96
CA GLU A 260 11.94 -5.60 7.43
C GLU A 260 12.57 -4.40 6.82
N LEU A 261 13.09 -3.51 7.66
CA LEU A 261 13.71 -2.25 7.26
C LEU A 261 15.23 -2.33 7.55
N PRO A 262 16.09 -1.82 6.62
CA PRO A 262 17.55 -1.81 6.87
C PRO A 262 17.89 -1.10 8.17
N GLU A 263 19.00 -1.54 8.80
CA GLU A 263 19.46 -0.98 10.07
C GLU A 263 20.16 0.36 9.84
N SER A 264 19.81 1.40 10.63
CA SER A 264 20.40 2.75 10.52
C SER A 264 21.90 2.71 10.73
N MET A 265 22.60 2.56 9.63
CA MET A 265 24.03 2.42 9.59
C MET A 265 24.75 3.75 9.61
N CYS A 266 26.01 3.71 10.04
CA CYS A 266 26.94 4.84 9.97
C CYS A 266 28.00 4.49 8.90
N LEU A 267 28.35 5.46 8.06
CA LEU A 267 29.34 5.24 7.02
C LEU A 267 30.61 6.02 7.30
N LYS A 268 31.76 5.34 7.36
CA LYS A 268 33.06 6.00 7.54
C LYS A 268 33.72 6.18 6.16
N PHE A 269 34.23 7.39 5.91
CA PHE A 269 34.87 7.72 4.65
C PHE A 269 36.39 7.88 4.82
N GLN A 270 37.15 7.49 3.78
CA GLN A 270 38.61 7.60 3.71
C GLN A 270 39.16 8.96 4.16
N CYS A 271 38.36 10.02 3.95
CA CYS A 271 38.61 11.42 4.29
C CYS A 271 38.26 11.79 5.77
N GLY A 272 37.91 10.78 6.55
CA GLY A 272 37.61 10.94 7.97
C GLY A 272 36.25 11.56 8.26
N VAL A 273 35.32 11.47 7.31
CA VAL A 273 33.95 11.98 7.41
C VAL A 273 32.98 10.82 7.69
N HIS A 274 32.03 11.09 8.61
CA HIS A 274 30.97 10.17 9.02
C HIS A 274 29.60 10.61 8.42
N ILE A 275 28.92 9.64 7.79
CA ILE A 275 27.62 9.80 7.17
C ILE A 275 26.55 8.81 7.77
N GLN A 276 25.67 9.33 8.62
CA GLN A 276 24.62 8.51 9.22
C GLN A 276 23.56 8.25 8.16
N LEU A 277 23.23 6.98 7.94
CA LEU A 277 22.24 6.55 6.96
C LEU A 277 20.96 5.93 7.61
N GLY A 278 19.85 6.69 7.63
CA GLY A 278 18.59 6.25 8.21
C GLY A 278 17.53 5.79 7.21
N PHE A 279 16.66 4.90 7.67
CA PHE A 279 15.59 4.35 6.82
C PHE A 279 14.23 4.47 7.49
N ALA A 280 13.20 4.88 6.76
CA ALA A 280 11.84 5.00 7.30
C ALA A 280 10.92 4.21 6.42
N ALA A 281 9.85 3.66 7.01
CA ALA A 281 8.80 2.91 6.28
C ALA A 281 7.51 3.76 6.10
N GLU A 282 7.01 3.84 4.87
CA GLU A 282 5.83 4.63 4.55
C GLU A 282 4.66 3.68 4.15
N PHE A 283 4.97 2.72 3.27
CA PHE A 283 4.10 1.67 2.75
C PHE A 283 5.00 0.43 2.59
N SER A 284 4.43 -0.77 2.42
CA SER A 284 5.23 -2.00 2.21
C SER A 284 6.07 -1.85 0.92
N ASN A 285 5.55 -1.06 0.02
CA ASN A 285 6.07 -0.68 -1.27
C ASN A 285 7.01 0.55 -1.17
N VAL A 286 6.88 1.39 -0.10
CA VAL A 286 7.57 2.67 0.02
C VAL A 286 8.53 2.78 1.20
N MET A 287 9.77 3.19 0.91
CA MET A 287 10.81 3.39 1.90
C MET A 287 11.54 4.72 1.68
N ILE A 288 11.88 5.39 2.79
CA ILE A 288 12.57 6.67 2.78
C ILE A 288 13.93 6.57 3.43
N ILE A 289 14.96 6.97 2.66
CA ILE A 289 16.34 7.05 3.13
C ILE A 289 16.67 8.49 3.49
N TYR A 290 17.49 8.70 4.54
CA TYR A 290 17.98 10.01 4.93
C TYR A 290 19.47 9.98 5.27
N THR A 291 20.21 10.98 4.76
CA THR A 291 21.66 11.11 4.95
C THR A 291 21.99 12.32 5.82
N SER A 292 22.50 12.07 7.02
CA SER A 292 22.97 13.12 7.94
C SER A 292 24.56 13.09 7.97
N ILE A 293 25.24 14.25 7.91
CA ILE A 293 26.71 14.30 8.03
C ILE A 293 27.05 14.46 9.54
N VAL A 294 27.26 13.32 10.20
CA VAL A 294 27.50 13.25 11.65
C VAL A 294 28.84 13.74 12.18
N HIS A 295 29.92 13.49 11.44
CA HIS A 295 31.26 13.94 11.83
C HIS A 295 32.10 14.21 10.61
N LYS A 296 32.92 15.27 10.69
CA LYS A 296 33.87 15.63 9.62
C LYS A 296 35.18 16.12 10.27
N PRO A 297 36.37 15.87 9.69
CA PRO A 297 37.60 16.33 10.36
C PRO A 297 37.87 17.84 10.16
N PRO A 298 38.72 18.50 10.99
CA PRO A 298 38.96 19.95 10.81
C PRO A 298 39.50 20.36 9.44
N GLU A 299 40.26 19.44 8.79
CA GLU A 299 40.88 19.56 7.46
C GLU A 299 39.87 19.76 6.28
N ILE A 300 38.56 19.54 6.55
CA ILE A 300 37.42 19.67 5.61
C ILE A 300 36.30 20.51 6.25
N ILE A 301 35.85 21.58 5.56
CA ILE A 301 34.74 22.40 6.07
C ILE A 301 33.55 22.34 5.12
N MET A 302 33.82 22.25 3.80
CA MET A 302 32.76 22.13 2.80
C MET A 302 32.58 20.68 2.40
N CYS A 303 31.31 20.21 2.38
CA CYS A 303 30.91 18.83 2.06
C CYS A 303 29.39 18.66 2.02
N ASP A 304 28.90 17.98 0.97
CA ASP A 304 27.49 17.58 0.82
C ASP A 304 27.43 16.11 0.46
N ALA A 305 26.59 15.36 1.17
CA ALA A 305 26.40 13.94 0.93
C ALA A 305 25.18 13.76 0.04
N TYR A 306 25.31 12.99 -1.05
CA TYR A 306 24.21 12.77 -1.98
C TYR A 306 24.11 11.34 -2.50
N VAL A 307 22.89 10.83 -2.58
CA VAL A 307 22.62 9.46 -2.97
C VAL A 307 22.36 9.30 -4.46
N THR A 308 23.07 8.36 -5.11
CA THR A 308 22.93 8.08 -6.55
C THR A 308 23.05 6.57 -6.83
N ASP A 309 23.07 6.21 -8.13
CA ASP A 309 23.22 4.86 -8.67
C ASP A 309 22.24 3.87 -8.05
N PHE A 310 20.94 4.13 -8.20
CA PHE A 310 19.90 3.24 -7.71
C PHE A 310 19.60 2.18 -8.76
N PRO A 311 19.15 0.96 -8.38
CA PRO A 311 18.81 -0.05 -9.40
C PRO A 311 17.80 0.51 -10.40
N LEU A 312 18.09 0.37 -11.68
CA LEU A 312 17.24 0.93 -12.74
C LEU A 312 15.81 0.40 -12.81
N ASP A 313 15.59 -0.82 -12.23
CA ASP A 313 14.30 -1.49 -12.02
C ASP A 313 13.33 -0.54 -11.25
N LEU A 314 13.87 0.16 -10.22
CA LEU A 314 13.18 1.12 -9.36
C LEU A 314 12.78 2.40 -10.11
N ASP A 315 13.56 2.84 -11.16
CA ASP A 315 13.28 4.05 -11.96
C ASP A 315 13.06 5.30 -11.06
N ILE A 316 14.02 5.55 -10.15
CA ILE A 316 13.97 6.67 -9.21
C ILE A 316 14.21 8.01 -9.90
N ASP A 317 13.18 8.89 -9.90
CA ASP A 317 13.29 10.23 -10.50
C ASP A 317 14.21 11.08 -9.65
N PRO A 318 15.11 11.89 -10.26
CA PRO A 318 15.99 12.75 -9.45
C PRO A 318 15.26 13.77 -8.59
N LYS A 319 14.07 14.23 -9.04
CA LYS A 319 13.24 15.22 -8.35
C LYS A 319 12.61 14.72 -7.03
N HIS A 320 12.69 13.42 -6.77
CA HIS A 320 12.17 12.78 -5.56
C HIS A 320 13.29 12.40 -4.58
N ALA A 321 14.56 12.65 -4.97
CA ALA A 321 15.77 12.28 -4.21
C ALA A 321 16.62 13.46 -3.82
N ASN A 322 17.23 13.39 -2.60
CA ASN A 322 18.17 14.38 -2.05
C ASN A 322 17.52 15.72 -1.77
N LYS A 323 16.35 15.65 -1.14
CA LYS A 323 15.53 16.81 -0.82
C LYS A 323 15.58 17.13 0.65
N GLY A 324 15.73 18.43 0.92
CA GLY A 324 15.81 19.00 2.26
C GLY A 324 14.78 18.53 3.28
N THR A 325 13.56 18.24 2.84
CA THR A 325 12.49 17.72 3.71
C THR A 325 11.75 16.49 3.11
N PRO A 326 11.11 15.63 3.93
CA PRO A 326 10.44 14.46 3.37
C PRO A 326 9.25 14.78 2.42
N GLU A 327 8.52 15.87 2.73
CA GLU A 327 7.38 16.37 1.95
C GLU A 327 7.74 16.75 0.49
N GLU A 328 8.99 17.14 0.26
CA GLU A 328 9.51 17.52 -1.06
C GLU A 328 9.72 16.31 -1.97
N THR A 329 9.80 15.09 -1.38
CA THR A 329 9.99 13.81 -2.07
C THR A 329 8.63 13.17 -2.45
N GLY A 330 7.55 13.67 -1.86
CA GLY A 330 6.19 13.20 -2.13
C GLY A 330 5.62 12.32 -1.04
N SER A 331 6.43 12.09 -0.01
CA SER A 331 6.07 11.28 1.12
C SER A 331 4.88 11.84 1.90
N TYR A 332 4.08 10.94 2.45
CA TYR A 332 2.95 11.27 3.31
C TYR A 332 3.51 11.61 4.72
N LEU A 333 4.64 10.96 5.10
CA LEU A 333 5.36 11.21 6.34
C LEU A 333 5.85 12.66 6.35
N VAL A 334 5.72 13.30 7.51
CA VAL A 334 6.07 14.69 7.70
C VAL A 334 7.33 14.83 8.58
N SER A 335 7.97 16.02 8.56
CA SER A 335 9.20 16.37 9.27
C SER A 335 9.19 16.13 10.79
N LYS A 336 8.00 16.01 11.39
CA LYS A 336 7.85 15.74 12.81
C LYS A 336 7.95 14.25 13.09
N ASP A 337 7.73 13.43 12.04
CA ASP A 337 7.80 11.96 12.09
C ASP A 337 9.22 11.49 11.78
N LEU A 338 9.93 12.22 10.90
CA LEU A 338 11.28 11.90 10.47
C LEU A 338 12.34 12.78 11.09
N PRO A 339 13.42 12.16 11.65
CA PRO A 339 14.54 12.92 12.26
C PRO A 339 14.99 14.13 11.44
N LYS A 340 15.06 15.29 12.10
CA LYS A 340 15.35 16.58 11.49
C LYS A 340 16.76 16.79 10.98
N HIS A 341 16.87 17.61 9.89
CA HIS A 341 18.04 18.18 9.20
C HIS A 341 18.81 17.39 8.15
N CYS A 342 18.38 16.16 7.82
CA CYS A 342 19.07 15.32 6.83
C CYS A 342 18.63 15.65 5.42
N LEU A 343 19.09 14.82 4.46
CA LEU A 343 18.68 14.84 3.08
C LEU A 343 17.82 13.60 2.93
N TYR A 344 16.54 13.83 2.63
CA TYR A 344 15.52 12.80 2.52
C TYR A 344 15.33 12.39 1.06
N THR A 345 15.19 11.08 0.82
CA THR A 345 15.01 10.50 -0.53
C THR A 345 13.97 9.35 -0.47
N ARG A 346 12.95 9.41 -1.38
CA ARG A 346 11.82 8.49 -1.40
C ARG A 346 11.92 7.40 -2.41
N LEU A 347 12.01 6.18 -1.91
CA LEU A 347 12.06 5.01 -2.77
C LEU A 347 10.73 4.29 -2.71
N SER A 348 9.88 4.68 -3.63
CA SER A 348 8.60 4.02 -3.87
C SER A 348 8.94 2.86 -4.87
N SER A 349 7.95 2.05 -5.23
CA SER A 349 8.10 0.92 -6.15
C SER A 349 9.16 -0.16 -5.84
N LEU A 350 9.21 -0.66 -4.59
CA LEU A 350 10.09 -1.76 -4.17
C LEU A 350 9.65 -3.11 -4.78
N GLN A 351 8.38 -3.24 -5.16
CA GLN A 351 7.85 -4.44 -5.83
C GLN A 351 8.50 -4.62 -7.21
N LYS A 352 9.34 -3.66 -7.62
CA LYS A 352 10.01 -3.65 -8.92
C LYS A 352 11.47 -4.17 -8.85
N LEU A 353 12.00 -4.27 -7.60
CA LEU A 353 13.32 -4.76 -7.23
C LEU A 353 13.31 -6.30 -7.32
N LYS A 354 14.11 -6.84 -8.23
CA LYS A 354 14.31 -8.28 -8.42
C LYS A 354 15.70 -8.57 -7.79
N GLU A 355 16.59 -7.61 -8.01
CA GLU A 355 17.98 -7.48 -7.61
C GLU A 355 18.05 -7.19 -6.07
N HIS A 356 19.27 -6.98 -5.55
CA HIS A 356 19.59 -6.60 -4.18
C HIS A 356 19.76 -5.06 -4.22
N LEU A 357 19.31 -4.33 -3.19
CA LEU A 357 19.43 -2.87 -3.21
C LEU A 357 20.84 -2.34 -2.99
N ILE A 358 21.43 -1.83 -4.09
CA ILE A 358 22.76 -1.21 -4.08
C ILE A 358 22.71 0.13 -4.76
N PHE A 359 23.14 1.16 -4.02
CA PHE A 359 23.25 2.56 -4.38
C PHE A 359 24.59 3.04 -3.86
N THR A 360 25.06 4.19 -4.36
CA THR A 360 26.27 4.83 -3.88
C THR A 360 25.86 6.07 -3.12
N VAL A 361 26.48 6.27 -1.96
CA VAL A 361 26.37 7.43 -1.08
C VAL A 361 27.59 8.24 -1.51
N CYS A 362 27.36 9.23 -2.35
CA CYS A 362 28.40 10.06 -2.91
C CYS A 362 28.71 11.29 -2.07
N LEU A 363 30.00 11.48 -1.76
CA LEU A 363 30.48 12.60 -0.96
C LEU A 363 31.24 13.62 -1.83
N SER A 364 30.69 14.83 -1.96
CA SER A 364 31.37 15.95 -2.62
C SER A 364 31.87 16.86 -1.50
N TYR A 365 33.20 17.08 -1.41
CA TYR A 365 33.83 17.87 -0.34
C TYR A 365 34.97 18.76 -0.85
N GLN A 366 35.48 19.61 0.06
CA GLN A 366 36.54 20.57 -0.21
C GLN A 366 37.45 20.71 1.03
N TYR A 367 38.75 20.85 0.77
CA TYR A 367 39.81 20.98 1.77
C TYR A 367 40.18 22.46 2.01
N SER A 368 40.52 22.80 3.27
CA SER A 368 40.92 24.15 3.68
C SER A 368 42.03 24.70 2.78
N GLY A 369 41.80 25.89 2.23
CA GLY A 369 42.72 26.58 1.35
C GLY A 369 42.94 26.05 -0.05
N LEU A 370 41.99 25.29 -0.60
CA LEU A 370 42.07 24.80 -1.98
C LEU A 370 40.75 24.90 -2.71
N GLU A 371 40.79 25.23 -4.02
CA GLU A 371 39.58 25.43 -4.83
C GLU A 371 38.91 24.14 -5.28
N ASP A 372 39.72 23.17 -5.71
CA ASP A 372 39.34 21.85 -6.24
C ASP A 372 38.33 21.11 -5.34
N THR A 373 37.33 20.49 -6.01
CA THR A 373 36.22 19.75 -5.41
C THR A 373 36.45 18.23 -5.55
N VAL A 374 36.60 17.57 -4.39
CA VAL A 374 36.88 16.14 -4.22
C VAL A 374 35.58 15.28 -4.12
N GLU A 375 35.50 14.16 -4.86
CA GLU A 375 34.34 13.28 -4.90
C GLU A 375 34.64 11.82 -4.44
N GLU A 376 34.19 11.44 -3.23
CA GLU A 376 34.38 10.12 -2.65
C GLU A 376 33.08 9.31 -2.65
N LYS A 377 32.94 8.41 -3.61
CA LYS A 377 31.78 7.52 -3.74
C LYS A 377 32.00 6.21 -2.95
N GLN A 378 31.02 5.82 -2.12
CA GLN A 378 31.02 4.57 -1.32
C GLN A 378 29.71 3.78 -1.61
N GLU A 379 29.80 2.54 -2.16
CA GLU A 379 28.64 1.67 -2.48
C GLU A 379 27.98 1.12 -1.17
N VAL A 380 26.62 1.04 -1.13
CA VAL A 380 25.86 0.55 0.04
C VAL A 380 24.85 -0.52 -0.40
N ASN A 381 24.96 -1.74 0.15
CA ASN A 381 24.02 -2.82 -0.17
C ASN A 381 23.14 -3.05 1.04
N VAL A 382 21.85 -2.71 0.90
CA VAL A 382 20.85 -2.83 1.97
C VAL A 382 19.90 -4.02 1.83
N GLY A 383 20.28 -4.94 0.95
CA GLY A 383 19.54 -6.17 0.69
C GLY A 383 18.19 -5.92 0.04
N LYS A 384 17.16 -6.65 0.48
CA LYS A 384 15.80 -6.50 -0.01
C LYS A 384 14.93 -5.91 1.11
N PRO A 385 14.78 -4.54 1.16
CA PRO A 385 13.98 -3.93 2.21
C PRO A 385 12.49 -4.15 1.97
N LEU A 386 11.77 -4.35 3.07
CA LEU A 386 10.33 -4.51 3.09
C LEU A 386 9.82 -5.61 2.16
N ILE A 387 8.83 -5.32 1.26
CA ILE A 387 8.19 -6.26 0.33
C ILE A 387 9.13 -6.86 -0.71
N ALA A 388 10.32 -6.25 -0.89
CA ALA A 388 11.29 -6.76 -1.85
C ALA A 388 11.71 -8.18 -1.40
N LYS A 389 11.87 -8.37 -0.04
CA LYS A 389 12.24 -9.61 0.65
C LYS A 389 11.30 -10.77 0.40
N LEU A 390 10.07 -10.51 -0.11
CA LEU A 390 9.10 -11.58 -0.40
C LEU A 390 9.40 -12.36 -1.67
N ASP A 391 10.24 -11.77 -2.57
CA ASP A 391 10.66 -12.32 -3.87
C ASP A 391 9.40 -12.54 -4.66
N MET A 392 8.72 -11.49 -5.06
CA MET A 392 7.48 -11.70 -5.79
C MET A 392 7.75 -12.15 -7.24
N HIS A 393 8.99 -11.93 -7.72
CA HIS A 393 9.44 -12.29 -9.08
C HIS A 393 10.05 -13.70 -9.17
N ARG A 394 10.22 -14.37 -8.00
CA ARG A 394 10.76 -15.73 -7.80
C ARG A 394 10.13 -16.77 -8.74
N GLY A 395 10.90 -17.84 -9.00
CA GLY A 395 10.48 -18.95 -9.85
C GLY A 395 10.66 -18.73 -11.34
N LEU A 396 10.22 -19.73 -12.14
CA LEU A 396 10.35 -19.71 -13.58
C LEU A 396 9.20 -18.96 -14.27
N VAL B 2 -14.05 17.73 -6.36
CA VAL B 2 -14.45 16.35 -6.09
C VAL B 2 -14.60 15.68 -7.44
N ARG B 3 -13.63 14.75 -7.63
CA ARG B 3 -13.56 14.05 -8.89
C ARG B 3 -13.70 12.55 -8.74
N PRO B 4 -14.16 11.88 -9.79
CA PRO B 4 -14.35 10.45 -9.74
C PRO B 4 -13.12 9.56 -9.81
N ARG B 5 -13.33 8.29 -9.45
CA ARG B 5 -12.32 7.25 -9.52
C ARG B 5 -12.78 6.27 -10.59
#